data_4NEM
#
_entry.id   4NEM
#
_cell.length_a   31.709
_cell.length_b   48.544
_cell.length_c   79.767
_cell.angle_alpha   90.00
_cell.angle_beta   90.00
_cell.angle_gamma   90.00
#
_symmetry.space_group_name_H-M   'P 21 21 21'
#
loop_
_entity.id
_entity.type
_entity.pdbx_description
1 polymer Interleukin-2
2 non-polymer '5-[(2,3-dichlorophenoxy)methyl]furan-2-carboxylic acid'
3 water water
#
_entity_poly.entity_id   1
_entity_poly.type   'polypeptide(L)'
_entity_poly.pdbx_seq_one_letter_code
;SSSTKKTQLQLEHLLLDLQMILNGINNYKNPKLTRMLTFKFYMPKKATELKHLQCLEEELKPLEEVLNLAQSKNFHLRPR
DLISNINVIVLELKGSETTFMCEYADETATIVEFLNRWITFSQSIISTLT
;
_entity_poly.pdbx_strand_id   A
#
loop_
_chem_comp.id
_chem_comp.type
_chem_comp.name
_chem_comp.formula
2JY non-polymer '5-[(2,3-dichlorophenoxy)methyl]furan-2-carboxylic acid' 'C12 H8 Cl2 O4'
#
# COMPACT_ATOMS: atom_id res chain seq x y z
N SER A 3 -16.42 17.53 -0.96
CA SER A 3 -15.95 16.61 -2.00
C SER A 3 -14.52 16.17 -1.75
N THR A 4 -13.68 17.12 -1.34
CA THR A 4 -12.33 16.80 -0.91
C THR A 4 -12.41 16.21 0.50
N LYS A 5 -13.55 16.43 1.14
CA LYS A 5 -13.88 15.76 2.39
C LYS A 5 -13.96 14.25 2.15
N LYS A 6 -14.65 13.86 1.07
CA LYS A 6 -14.79 12.46 0.71
C LYS A 6 -13.43 11.87 0.37
N THR A 7 -12.64 12.63 -0.38
CA THR A 7 -11.27 12.23 -0.72
C THR A 7 -10.42 11.95 0.53
N GLN A 8 -10.47 12.89 1.48
CA GLN A 8 -9.69 12.75 2.70
C GLN A 8 -10.17 11.51 3.45
N LEU A 9 -11.49 11.32 3.54
CA LEU A 9 -11.98 10.17 4.30
C LEU A 9 -11.56 8.86 3.63
N GLN A 10 -11.60 8.83 2.29
CA GLN A 10 -11.14 7.66 1.56
C GLN A 10 -9.66 7.37 1.82
N LEU A 11 -8.82 8.41 1.84
CA LEU A 11 -7.41 8.20 2.12
C LEU A 11 -7.16 7.71 3.54
N GLU A 12 -7.97 8.18 4.48
CA GLU A 12 -7.81 7.74 5.86
C GLU A 12 -8.13 6.25 5.95
N HIS A 13 -9.16 5.84 5.22
CA HIS A 13 -9.54 4.43 5.20
C HIS A 13 -8.41 3.62 4.57
N LEU A 14 -7.84 4.13 3.47
CA LEU A 14 -6.67 3.49 2.84
C LEU A 14 -5.54 3.33 3.86
N LEU A 15 -5.22 4.43 4.54
CA LEU A 15 -4.12 4.48 5.50
C LEU A 15 -4.32 3.42 6.57
N LEU A 16 -5.52 3.38 7.14
CA LEU A 16 -5.79 2.45 8.22
C LEU A 16 -5.74 1.02 7.72
N ASP A 17 -6.22 0.79 6.50
CA ASP A 17 -6.19 -0.58 5.96
C ASP A 17 -4.74 -1.06 5.75
N LEU A 18 -3.88 -0.18 5.22
CA LEU A 18 -2.49 -0.54 4.97
C LEU A 18 -1.74 -0.77 6.29
N GLN A 19 -2.04 0.07 7.26
CA GLN A 19 -1.47 -0.08 8.61
C GLN A 19 -1.90 -1.38 9.29
N MET A 20 -3.16 -1.77 9.11
CA MET A 20 -3.64 -3.02 9.68
C MET A 20 -2.90 -4.23 9.09
N ILE A 21 -2.63 -4.18 7.79
CA ILE A 21 -1.86 -5.24 7.16
C ILE A 21 -0.43 -5.28 7.69
N LEU A 22 0.23 -4.12 7.70
CA LEU A 22 1.61 -4.04 8.20
C LEU A 22 1.73 -4.53 9.64
N ASN A 23 0.83 -4.04 10.48
CA ASN A 23 0.81 -4.45 11.87
C ASN A 23 0.56 -5.95 12.00
N GLY A 24 -0.25 -6.46 11.09
CA GLY A 24 -0.59 -7.88 11.08
C GLY A 24 0.58 -8.77 10.70
N ILE A 25 1.40 -8.34 9.76
CA ILE A 25 2.47 -9.22 9.34
C ILE A 25 3.77 -8.94 10.11
N ASN A 26 3.96 -7.70 10.54
CA ASN A 26 5.26 -7.27 11.05
C ASN A 26 5.29 -7.43 12.55
N ASN A 27 5.30 -8.68 12.99
CA ASN A 27 5.31 -9.05 14.42
C ASN A 27 5.92 -10.44 14.66
N TYR A 28 6.39 -10.72 15.88
CA TYR A 28 7.02 -12.02 16.13
C TYR A 28 6.01 -13.17 16.33
N LYS A 29 4.73 -12.84 16.34
CA LYS A 29 3.71 -13.88 16.39
C LYS A 29 3.48 -14.46 14.99
N ASN A 30 4.18 -13.88 14.01
CA ASN A 30 4.11 -14.33 12.63
C ASN A 30 5.38 -15.13 12.29
N PRO A 31 5.25 -16.45 12.20
CA PRO A 31 6.36 -17.37 11.92
C PRO A 31 6.87 -17.27 10.49
N LYS A 32 5.99 -16.84 9.59
CA LYS A 32 6.35 -16.75 8.19
C LYS A 32 6.99 -15.41 7.83
N LEU A 33 7.38 -14.61 8.81
CA LEU A 33 7.87 -13.27 8.46
C LEU A 33 9.14 -13.33 7.63
N THR A 34 10.09 -14.13 8.07
CA THR A 34 11.35 -14.24 7.34
C THR A 34 11.12 -14.63 5.89
N ARG A 35 10.28 -15.63 5.65
CA ARG A 35 10.00 -16.02 4.28
C ARG A 35 9.29 -14.89 3.52
N MET A 36 8.36 -14.21 4.18
CA MET A 36 7.62 -13.13 3.51
C MET A 36 8.52 -12.00 3.07
N LEU A 37 9.61 -11.77 3.82
CA LEU A 37 10.51 -10.67 3.48
C LEU A 37 11.41 -10.96 2.28
N THR A 38 11.41 -12.19 1.78
CA THR A 38 12.23 -12.54 0.60
C THR A 38 11.62 -12.07 -0.72
N PHE A 39 10.33 -11.76 -0.70
CA PHE A 39 9.65 -11.41 -1.94
C PHE A 39 9.91 -9.95 -2.28
N LYS A 40 9.92 -9.64 -3.58
CA LYS A 40 10.30 -8.30 -4.04
C LYS A 40 9.10 -7.48 -4.47
N PHE A 41 9.04 -6.24 -4.01
CA PHE A 41 7.94 -5.34 -4.38
C PHE A 41 8.52 -4.14 -5.11
N TYR A 42 7.81 -3.68 -6.14
CA TYR A 42 8.33 -2.58 -6.93
C TYR A 42 7.77 -1.31 -6.37
N MET A 43 8.59 -0.26 -6.36
CA MET A 43 8.28 0.96 -5.63
C MET A 43 8.10 2.11 -6.60
N PRO A 44 7.19 3.04 -6.27
CA PRO A 44 6.94 4.13 -7.21
C PRO A 44 8.17 5.00 -7.33
N LYS A 45 8.53 5.36 -8.57
CA LYS A 45 9.60 6.31 -8.80
C LYS A 45 9.22 7.65 -8.18
N LYS A 46 7.95 8.02 -8.32
CA LYS A 46 7.44 9.21 -7.66
C LYS A 46 6.06 8.94 -7.08
N ALA A 47 5.83 9.42 -5.86
CA ALA A 47 4.52 9.25 -5.24
C ALA A 47 4.12 10.50 -4.46
N THR A 48 3.57 11.48 -5.17
CA THR A 48 3.24 12.77 -4.58
C THR A 48 1.80 13.22 -4.91
N GLU A 49 1.16 12.54 -5.84
CA GLU A 49 -0.20 12.91 -6.27
C GLU A 49 -1.10 11.68 -6.29
N LEU A 50 -2.40 11.89 -6.20
CA LEU A 50 -3.34 10.77 -6.15
C LEU A 50 -3.19 9.89 -7.38
N LYS A 51 -2.85 10.47 -8.52
CA LYS A 51 -2.76 9.69 -9.74
C LYS A 51 -1.63 8.65 -9.63
N HIS A 52 -0.69 8.89 -8.71
CA HIS A 52 0.43 7.98 -8.51
C HIS A 52 0.01 6.70 -7.79
N LEU A 53 -1.23 6.65 -7.30
CA LEU A 53 -1.77 5.42 -6.73
C LEU A 53 -1.84 4.26 -7.73
N GLN A 54 -1.74 4.56 -9.02
CA GLN A 54 -1.65 3.52 -10.05
C GLN A 54 -0.52 2.53 -9.69
N CYS A 55 0.54 3.05 -9.09
CA CYS A 55 1.69 2.20 -8.74
C CYS A 55 1.32 1.25 -7.61
N LEU A 56 0.39 1.67 -6.78
CA LEU A 56 -0.08 0.82 -5.70
C LEU A 56 -1.00 -0.25 -6.27
N GLU A 57 -1.95 0.18 -7.09
CA GLU A 57 -2.95 -0.73 -7.65
C GLU A 57 -2.27 -1.89 -8.35
N GLU A 58 -1.18 -1.61 -9.06
CA GLU A 58 -0.52 -2.63 -9.85
C GLU A 58 0.27 -3.65 -9.00
N GLU A 59 0.46 -3.35 -7.72
CA GLU A 59 1.11 -4.29 -6.80
C GLU A 59 0.14 -4.92 -5.79
N LEU A 60 -1.15 -4.63 -5.88
CA LEU A 60 -2.10 -5.19 -4.93
C LEU A 60 -2.23 -6.71 -5.10
N LYS A 61 -2.12 -7.21 -6.32
CA LYS A 61 -2.30 -8.65 -6.51
C LYS A 61 -1.15 -9.43 -5.85
N PRO A 62 0.12 -9.04 -6.14
CA PRO A 62 1.22 -9.72 -5.45
C PRO A 62 1.17 -9.56 -3.93
N LEU A 63 0.75 -8.39 -3.48
CA LEU A 63 0.65 -8.14 -2.04
C LEU A 63 -0.29 -9.18 -1.46
N GLU A 64 -1.40 -9.37 -2.16
CA GLU A 64 -2.42 -10.32 -1.76
C GLU A 64 -1.85 -11.74 -1.74
N GLU A 65 -1.12 -12.07 -2.81
CA GLU A 65 -0.55 -13.40 -2.97
C GLU A 65 0.41 -13.74 -1.83
N VAL A 66 1.22 -12.77 -1.44
CA VAL A 66 2.22 -13.00 -0.40
C VAL A 66 1.55 -13.14 0.99
N LEU A 67 0.50 -12.36 1.25
CA LEU A 67 -0.30 -12.56 2.46
C LEU A 67 -1.00 -13.93 2.41
N ASN A 68 -1.41 -14.34 1.21
CA ASN A 68 -2.02 -15.66 0.99
C ASN A 68 -1.08 -16.78 1.34
N LEU A 69 0.07 -16.84 0.63
CA LEU A 69 1.06 -17.90 0.81
C LEU A 69 1.76 -17.80 2.16
N ALA A 70 1.23 -16.96 3.05
CA ALA A 70 1.76 -16.80 4.40
C ALA A 70 0.75 -17.28 5.43
N GLN A 71 -0.33 -17.88 4.96
CA GLN A 71 -1.34 -18.47 5.84
C GLN A 71 -1.70 -19.89 5.37
N ASP A 81 -12.21 -9.10 2.68
CA ASP A 81 -10.77 -8.90 2.76
C ASP A 81 -10.41 -7.41 2.81
N LEU A 82 -9.31 -7.12 3.49
CA LEU A 82 -8.74 -5.78 3.48
C LEU A 82 -8.33 -5.39 2.07
N ILE A 83 -7.77 -6.36 1.33
CA ILE A 83 -7.21 -6.08 0.01
C ILE A 83 -8.29 -5.60 -0.93
N SER A 84 -9.44 -6.25 -0.84
CA SER A 84 -10.57 -5.93 -1.69
C SER A 84 -11.04 -4.52 -1.42
N ASN A 85 -11.06 -4.14 -0.13
CA ASN A 85 -11.45 -2.79 0.23
C ASN A 85 -10.40 -1.78 -0.24
N ILE A 86 -9.13 -2.15 -0.11
CA ILE A 86 -8.07 -1.27 -0.58
C ILE A 86 -8.22 -1.09 -2.08
N ASN A 87 -8.50 -2.19 -2.78
CA ASN A 87 -8.60 -2.12 -4.23
C ASN A 87 -9.70 -1.13 -4.65
N VAL A 88 -10.84 -1.17 -3.95
CA VAL A 88 -11.95 -0.28 -4.26
C VAL A 88 -11.55 1.18 -4.00
N ILE A 89 -10.90 1.41 -2.87
CA ILE A 89 -10.57 2.78 -2.50
C ILE A 89 -9.58 3.37 -3.47
N VAL A 90 -8.56 2.57 -3.80
CA VAL A 90 -7.54 2.99 -4.76
C VAL A 90 -8.12 3.33 -6.13
N LEU A 91 -8.95 2.44 -6.67
CA LEU A 91 -9.66 2.67 -7.94
C LEU A 91 -10.47 3.97 -7.92
N GLU A 92 -11.11 4.23 -6.79
CA GLU A 92 -12.02 5.37 -6.70
C GLU A 92 -11.26 6.67 -6.46
N LEU A 93 -10.15 6.61 -5.74
CA LEU A 93 -9.30 7.79 -5.58
C LEU A 93 -8.55 8.11 -6.87
N LYS A 94 -8.26 7.08 -7.66
CA LYS A 94 -7.43 7.21 -8.84
C LYS A 94 -8.27 7.36 -10.12
N PHE A 100 -2.26 8.31 -16.36
CA PHE A 100 -0.89 8.26 -15.86
C PHE A 100 -0.33 6.84 -15.84
N MET A 101 0.72 6.63 -16.63
CA MET A 101 1.39 5.34 -16.68
C MET A 101 2.51 5.26 -15.64
N CYS A 102 2.49 4.21 -14.83
CA CYS A 102 3.30 4.16 -13.62
C CYS A 102 4.79 3.93 -13.87
N GLU A 103 5.62 4.79 -13.26
CA GLU A 103 7.06 4.64 -13.29
C GLU A 103 7.57 4.09 -11.97
N TYR A 104 8.43 3.09 -12.03
CA TYR A 104 8.89 2.42 -10.82
C TYR A 104 10.34 2.73 -10.54
N ALA A 105 10.67 2.83 -9.26
CA ALA A 105 12.05 2.94 -8.83
C ALA A 105 12.86 1.73 -9.29
N ASP A 106 14.17 1.88 -9.40
CA ASP A 106 15.02 0.84 -9.95
C ASP A 106 15.22 -0.33 -8.96
N GLU A 107 15.26 -0.04 -7.67
CA GLU A 107 15.46 -1.09 -6.67
C GLU A 107 14.16 -1.50 -5.99
N THR A 108 13.98 -2.80 -5.83
CA THR A 108 12.79 -3.36 -5.19
C THR A 108 12.86 -3.30 -3.67
N ALA A 109 11.72 -3.51 -3.02
CA ALA A 109 11.64 -3.43 -1.58
C ALA A 109 10.96 -4.66 -1.01
N THR A 110 11.07 -4.85 0.31
CA THR A 110 10.32 -5.90 0.99
C THR A 110 8.88 -5.43 1.17
N ILE A 111 8.02 -6.38 1.51
CA ILE A 111 6.62 -6.10 1.76
C ILE A 111 6.49 -5.02 2.84
N VAL A 112 7.40 -5.03 3.81
CA VAL A 112 7.34 -4.07 4.89
C VAL A 112 7.70 -2.66 4.43
N GLU A 113 8.76 -2.52 3.64
CA GLU A 113 9.11 -1.20 3.11
C GLU A 113 8.04 -0.70 2.13
N PHE A 114 7.48 -1.61 1.35
CA PHE A 114 6.40 -1.29 0.41
C PHE A 114 5.21 -0.69 1.17
N LEU A 115 4.79 -1.35 2.24
CA LEU A 115 3.66 -0.86 3.01
C LEU A 115 4.00 0.47 3.67
N ASN A 116 5.19 0.57 4.24
CA ASN A 116 5.57 1.80 4.91
C ASN A 116 5.59 2.97 3.94
N ARG A 117 5.97 2.69 2.70
CA ARG A 117 6.03 3.70 1.65
C ARG A 117 4.64 4.24 1.34
N TRP A 118 3.67 3.35 1.19
CA TRP A 118 2.32 3.78 0.80
C TRP A 118 1.53 4.34 1.99
N ILE A 119 1.96 3.98 3.20
CA ILE A 119 1.43 4.60 4.40
C ILE A 119 1.89 6.07 4.50
N THR A 120 3.18 6.32 4.26
CA THR A 120 3.70 7.68 4.22
C THR A 120 3.04 8.53 3.14
N PHE A 121 2.90 7.95 1.94
CA PHE A 121 2.20 8.62 0.86
C PHE A 121 0.81 9.02 1.31
N SER A 122 0.10 8.08 1.91
CA SER A 122 -1.28 8.35 2.29
C SER A 122 -1.32 9.48 3.30
N GLN A 123 -0.43 9.44 4.29
CA GLN A 123 -0.38 10.49 5.32
C GLN A 123 -0.06 11.86 4.73
N SER A 124 0.84 11.86 3.75
CA SER A 124 1.21 13.08 3.06
C SER A 124 0.04 13.74 2.33
N ILE A 125 -0.70 12.99 1.51
CA ILE A 125 -1.83 13.59 0.81
C ILE A 125 -2.87 14.10 1.80
N ILE A 126 -3.16 13.30 2.83
CA ILE A 126 -4.13 13.67 3.87
C ILE A 126 -3.84 15.05 4.46
N SER A 127 -2.56 15.30 4.71
CA SER A 127 -2.15 16.56 5.33
C SER A 127 -2.34 17.75 4.38
N THR A 128 -2.25 17.51 3.07
CA THR A 128 -2.44 18.57 2.08
C THR A 128 -3.92 18.81 1.78
N LEU A 129 -4.79 18.17 2.56
CA LEU A 129 -6.23 18.36 2.42
C LEU A 129 -6.82 18.85 3.74
N THR A 130 -5.95 19.19 4.69
CA THR A 130 -6.40 19.68 5.98
C THR A 130 -6.79 21.16 5.90
C01 2JY B . -15.66 7.93 2.12
C02 2JY B . -16.83 7.76 2.83
C03 2JY B . -17.08 6.58 3.51
C04 2JY B . -16.14 5.54 3.49
C05 2JY B . -14.96 5.72 2.78
C06 2JY B . -14.74 6.91 2.11
CL1 2JY B . -18.57 6.41 4.40
CL2 2JY B . -16.43 4.04 4.36
O09 2JY B . -13.97 4.72 2.71
C10 2JY B . -13.58 4.42 1.38
C11 2JY B . -14.55 3.47 0.70
O12 2JY B . -14.54 2.16 0.84
C13 2JY B . -15.50 1.61 0.10
C14 2JY B . -16.20 2.61 -0.58
C15 2JY B . -15.57 3.83 -0.19
C16 2JY B . -15.78 0.12 0.02
O17 2JY B . -14.85 -0.73 0.19
O18 2JY B . -16.96 -0.27 -0.22
#